data_5YDC
#
_entry.id   5YDC
#
_cell.length_a   45.355
_cell.length_b   31.511
_cell.length_c   77.901
_cell.angle_alpha   90.00
_cell.angle_beta   98.21
_cell.angle_gamma   90.00
#
_symmetry.space_group_name_H-M   'P 1 21 1'
#
loop_
_entity.id
_entity.type
_entity.pdbx_description
1 polymer 'Uncharacterized HTH-type transcriptional regulator Rv1828'
2 non-polymer 'MERCURY (II) ION'
3 non-polymer 'SULFATE ION'
4 water water
#
_entity_poly.entity_id   1
_entity_poly.type   'polypeptide(L)'
_entity_poly.pdbx_seq_one_letter_code
;MGSSHHHHHHSSENLYFQGHMRLSREDLLERSEVADELLTALLKAGVITTGPGGFFDEHAVVILQCARALAEYGVEPRHL
RAFRSAADRQSDLIAQIAGPLVKAGKAGARDRADDLAREVAALAITLHTSLIKSAVRDVLHR
;
_entity_poly.pdbx_strand_id   A,B
#
# COMPACT_ATOMS: atom_id res chain seq x y z
N MET A 21 -11.18 16.95 4.42
CA MET A 21 -10.18 16.85 5.53
C MET A 21 -10.81 16.28 6.81
N ARG A 22 -11.76 17.00 7.43
CA ARG A 22 -12.43 16.56 8.68
C ARG A 22 -13.90 16.32 8.37
N LEU A 23 -14.27 15.07 8.08
CA LEU A 23 -15.60 14.76 7.58
C LEU A 23 -16.45 14.08 8.66
N SER A 24 -17.69 14.53 8.76
CA SER A 24 -18.69 13.90 9.61
C SER A 24 -19.08 12.55 8.98
N ARG A 25 -19.79 11.73 9.75
CA ARG A 25 -20.40 10.49 9.25
C ARG A 25 -21.35 10.75 8.05
N GLU A 26 -22.23 11.74 8.19
CA GLU A 26 -23.07 12.19 7.06
C GLU A 26 -22.28 12.62 5.84
N ASP A 27 -21.20 13.40 6.02
CA ASP A 27 -20.36 13.84 4.89
C ASP A 27 -19.73 12.62 4.23
N LEU A 28 -19.35 11.66 5.07
CA LEU A 28 -18.66 10.49 4.59
C LEU A 28 -19.60 9.68 3.67
N LEU A 29 -20.82 9.47 4.15
CA LEU A 29 -21.84 8.79 3.38
C LEU A 29 -22.17 9.47 2.10
N GLU A 30 -22.36 10.77 2.16
CA GLU A 30 -22.69 11.53 0.94
C GLU A 30 -21.57 11.54 -0.13
N ARG A 31 -20.31 11.63 0.28
CA ARG A 31 -19.18 11.66 -0.64
C ARG A 31 -18.79 10.28 -1.16
N SER A 32 -18.96 9.25 -0.36
CA SER A 32 -18.62 7.90 -0.79
C SER A 32 -19.74 7.36 -1.68
N GLU A 33 -20.96 7.80 -1.41
CA GLU A 33 -22.17 7.40 -2.16
C GLU A 33 -22.59 5.94 -1.95
N VAL A 34 -22.18 5.39 -0.82
CA VAL A 34 -22.51 4.00 -0.47
C VAL A 34 -23.76 3.94 0.41
N ALA A 35 -24.33 2.74 0.53
CA ALA A 35 -25.44 2.50 1.46
C ALA A 35 -25.01 2.68 2.92
N ASP A 36 -25.89 3.20 3.77
CA ASP A 36 -25.63 3.32 5.16
C ASP A 36 -25.30 1.94 5.75
N GLU A 37 -25.99 0.87 5.31
CA GLU A 37 -25.65 -0.49 5.76
C GLU A 37 -24.17 -0.90 5.56
N LEU A 38 -23.55 -0.42 4.48
CA LEU A 38 -22.15 -0.78 4.20
C LEU A 38 -21.19 -0.11 5.17
N LEU A 39 -21.39 1.19 5.33
CA LEU A 39 -20.65 1.96 6.31
C LEU A 39 -20.78 1.32 7.68
N THR A 40 -22.02 1.05 8.11
CA THR A 40 -22.29 0.48 9.44
C THR A 40 -21.53 -0.84 9.65
N ALA A 41 -21.54 -1.67 8.62
CA ALA A 41 -20.85 -2.94 8.66
C ALA A 41 -19.31 -2.76 8.74
N LEU A 42 -18.76 -1.83 7.98
CA LEU A 42 -17.31 -1.56 7.98
C LEU A 42 -16.79 -0.94 9.25
N LEU A 43 -17.60 -0.10 9.88
CA LEU A 43 -17.33 0.41 11.24
C LEU A 43 -17.39 -0.73 12.26
N LYS A 44 -18.45 -1.52 12.21
CA LYS A 44 -18.67 -2.66 13.10
C LYS A 44 -17.49 -3.63 13.04
N ALA A 45 -17.00 -3.94 11.83
CA ALA A 45 -15.83 -4.80 11.69
C ALA A 45 -14.48 -4.11 11.91
N GLY A 46 -14.47 -2.81 12.22
CA GLY A 46 -13.23 -2.06 12.51
C GLY A 46 -12.38 -1.65 11.30
N VAL A 47 -12.94 -1.85 10.11
CA VAL A 47 -12.18 -1.65 8.87
C VAL A 47 -11.95 -0.18 8.65
N ILE A 48 -12.95 0.62 8.99
CA ILE A 48 -12.80 2.05 8.92
CA ILE A 48 -12.90 2.09 8.91
C ILE A 48 -13.03 2.60 10.32
N THR A 49 -12.32 3.65 10.68
CA THR A 49 -12.45 4.27 11.98
C THR A 49 -12.25 5.74 11.83
N THR A 50 -12.67 6.46 12.86
CA THR A 50 -12.45 7.89 12.92
C THR A 50 -11.07 8.07 13.50
N GLY A 51 -10.44 9.20 13.20
CA GLY A 51 -9.16 9.59 13.77
C GLY A 51 -9.24 10.10 15.21
N PRO A 52 -8.08 10.47 15.79
CA PRO A 52 -7.99 11.10 17.12
C PRO A 52 -8.97 12.27 17.42
N GLY A 53 -9.31 13.09 16.41
CA GLY A 53 -10.33 14.15 16.59
C GLY A 53 -11.79 13.68 16.61
N GLY A 54 -12.04 12.41 16.33
CA GLY A 54 -13.37 11.84 16.24
C GLY A 54 -14.09 12.00 14.91
N PHE A 55 -13.39 12.45 13.86
CA PHE A 55 -13.96 12.56 12.54
C PHE A 55 -13.21 11.72 11.51
N PHE A 56 -13.76 11.72 10.30
CA PHE A 56 -13.22 10.92 9.20
C PHE A 56 -12.37 11.81 8.32
N ASP A 57 -11.48 11.20 7.57
CA ASP A 57 -10.62 11.90 6.63
C ASP A 57 -10.97 11.51 5.20
N GLU A 58 -10.28 12.14 4.25
CA GLU A 58 -10.41 11.83 2.84
C GLU A 58 -10.12 10.34 2.49
N HIS A 59 -9.21 9.71 3.22
CA HIS A 59 -8.90 8.30 3.01
C HIS A 59 -10.12 7.47 3.26
N ALA A 60 -10.92 7.84 4.22
CA ALA A 60 -12.15 7.08 4.47
C ALA A 60 -13.09 7.05 3.29
N VAL A 61 -13.19 8.15 2.55
CA VAL A 61 -14.08 8.18 1.42
C VAL A 61 -13.57 7.14 0.40
N VAL A 62 -12.26 7.11 0.16
CA VAL A 62 -11.65 6.18 -0.79
C VAL A 62 -11.81 4.69 -0.31
N ILE A 63 -11.63 4.48 0.97
CA ILE A 63 -11.81 3.12 1.56
C ILE A 63 -13.22 2.64 1.32
N LEU A 64 -14.22 3.47 1.65
CA LEU A 64 -15.63 3.16 1.44
C LEU A 64 -15.98 2.88 -0.03
N GLN A 65 -15.53 3.74 -0.94
CA GLN A 65 -15.82 3.54 -2.36
C GLN A 65 -15.17 2.26 -2.92
N CYS A 66 -13.88 2.03 -2.61
CA CYS A 66 -13.21 0.73 -2.90
C CYS A 66 -13.89 -0.48 -2.25
N ALA A 67 -14.31 -0.36 -0.99
CA ALA A 67 -15.03 -1.43 -0.33
C ALA A 67 -16.37 -1.76 -0.98
N ARG A 68 -17.07 -0.76 -1.50
CA ARG A 68 -18.33 -1.00 -2.21
C ARG A 68 -18.11 -1.75 -3.51
N ALA A 69 -17.14 -1.30 -4.28
CA ALA A 69 -16.79 -1.95 -5.55
C ALA A 69 -16.32 -3.38 -5.30
N LEU A 70 -15.50 -3.61 -4.29
CA LEU A 70 -15.10 -4.98 -3.89
C LEU A 70 -16.25 -5.86 -3.42
N ALA A 71 -17.20 -5.28 -2.67
CA ALA A 71 -18.38 -6.04 -2.26
C ALA A 71 -19.17 -6.56 -3.44
N GLU A 72 -19.23 -5.74 -4.50
CA GLU A 72 -19.85 -6.09 -5.76
C GLU A 72 -19.18 -7.29 -6.43
N TYR A 73 -17.86 -7.47 -6.24
CA TYR A 73 -17.17 -8.65 -6.75
C TYR A 73 -17.14 -9.84 -5.80
N GLY A 74 -17.85 -9.78 -4.69
CA GLY A 74 -17.93 -10.86 -3.74
C GLY A 74 -17.18 -10.71 -2.44
N VAL A 75 -16.58 -9.55 -2.17
CA VAL A 75 -15.84 -9.37 -0.93
C VAL A 75 -16.77 -8.72 0.11
N GLU A 76 -17.08 -9.45 1.17
CA GLU A 76 -17.83 -8.90 2.29
C GLU A 76 -16.97 -8.05 3.23
N PRO A 77 -17.58 -7.03 3.89
CA PRO A 77 -16.95 -6.23 4.93
C PRO A 77 -16.09 -7.02 5.91
N ARG A 78 -16.59 -8.18 6.29
CA ARG A 78 -15.87 -9.10 7.16
C ARG A 78 -14.51 -9.52 6.58
N HIS A 79 -14.40 -9.68 5.26
CA HIS A 79 -13.14 -10.08 4.62
C HIS A 79 -12.07 -9.00 4.59
N LEU A 80 -12.47 -7.73 4.71
CA LEU A 80 -11.54 -6.64 4.71
C LEU A 80 -10.88 -6.44 6.10
N ARG A 81 -11.36 -7.12 7.14
CA ARG A 81 -10.61 -7.12 8.41
C ARG A 81 -9.14 -7.48 8.26
N ALA A 82 -8.82 -8.49 7.44
CA ALA A 82 -7.41 -8.88 7.20
C ALA A 82 -6.55 -7.73 6.64
N PHE A 83 -7.16 -6.92 5.79
CA PHE A 83 -6.49 -5.76 5.20
C PHE A 83 -6.23 -4.70 6.28
N ARG A 84 -7.20 -4.49 7.17
CA ARG A 84 -7.06 -3.51 8.24
C ARG A 84 -5.99 -3.92 9.25
N SER A 85 -6.02 -5.19 9.61
CA SER A 85 -5.03 -5.78 10.53
CA SER A 85 -5.03 -5.70 10.57
C SER A 85 -3.63 -5.49 10.06
N ALA A 86 -3.37 -5.91 8.83
CA ALA A 86 -2.06 -5.74 8.22
C ALA A 86 -1.69 -4.27 8.07
N ALA A 87 -2.66 -3.42 7.72
CA ALA A 87 -2.35 -2.01 7.59
C ALA A 87 -1.95 -1.43 8.97
N ASP A 88 -2.60 -1.86 10.05
CA ASP A 88 -2.22 -1.36 11.38
C ASP A 88 -0.81 -1.79 11.78
N ARG A 89 -0.43 -3.02 11.42
CA ARG A 89 0.92 -3.53 11.70
C ARG A 89 1.95 -2.78 10.88
N GLN A 90 1.60 -2.47 9.63
CA GLN A 90 2.49 -1.67 8.79
C GLN A 90 2.64 -0.25 9.28
N SER A 91 1.56 0.31 9.83
CA SER A 91 1.64 1.66 10.39
C SER A 91 2.62 1.70 11.60
N ASP A 92 2.59 0.66 12.44
CA ASP A 92 3.50 0.50 13.60
C ASP A 92 4.96 0.50 13.20
N LEU A 93 5.29 -0.27 12.17
CA LEU A 93 6.64 -0.32 11.57
C LEU A 93 7.08 1.01 11.03
N ILE A 94 6.17 1.66 10.32
CA ILE A 94 6.47 2.95 9.76
C ILE A 94 6.73 3.96 10.88
N ALA A 95 5.90 3.93 11.92
CA ALA A 95 6.09 4.76 13.13
C ALA A 95 7.45 4.63 13.78
N GLN A 96 7.91 3.40 13.91
CA GLN A 96 9.25 3.12 14.40
C GLN A 96 10.35 3.73 13.59
N ILE A 97 10.16 3.70 12.29
CA ILE A 97 11.09 4.26 11.33
C ILE A 97 10.99 5.77 11.25
N ALA A 98 9.78 6.31 11.21
CA ALA A 98 9.55 7.75 10.97
C ALA A 98 9.54 8.59 12.23
N GLY A 99 9.12 7.99 13.34
CA GLY A 99 8.90 8.67 14.63
C GLY A 99 10.16 9.39 15.13
N PRO A 100 11.33 8.74 15.03
CA PRO A 100 12.58 9.42 15.36
C PRO A 100 12.89 10.70 14.55
N LEU A 101 12.39 10.81 13.32
CA LEU A 101 12.64 11.98 12.48
C LEU A 101 11.75 13.17 12.78
N VAL A 102 10.73 13.04 13.65
CA VAL A 102 9.87 14.19 13.97
C VAL A 102 10.75 15.31 14.56
N LYS A 103 11.64 14.96 15.49
CA LYS A 103 12.52 15.95 16.08
C LYS A 103 13.56 16.58 15.17
N ALA A 104 13.87 15.95 14.03
CA ALA A 104 14.83 16.49 13.09
C ALA A 104 14.18 17.42 12.06
N GLY A 105 12.91 17.78 12.22
CA GLY A 105 12.23 18.61 11.23
C GLY A 105 12.86 19.99 11.09
N LYS A 106 12.85 20.53 9.88
CA LYS A 106 13.40 21.89 9.62
C LYS A 106 12.28 22.80 10.05
N ALA A 107 12.29 23.22 11.30
CA ALA A 107 11.18 23.92 11.90
C ALA A 107 11.10 25.41 11.53
N GLY A 108 12.24 26.01 11.22
CA GLY A 108 12.35 27.47 11.07
C GLY A 108 12.11 28.11 12.41
N ALA A 109 11.24 29.11 12.44
CA ALA A 109 10.93 29.81 13.69
C ALA A 109 9.89 29.06 14.55
N ARG A 110 9.18 28.07 13.98
CA ARG A 110 8.18 27.32 14.78
C ARG A 110 8.88 26.30 15.72
N ASP A 111 8.23 25.91 16.82
CA ASP A 111 8.75 24.89 17.74
C ASP A 111 8.79 23.44 17.23
N ARG A 112 8.01 23.13 16.21
CA ARG A 112 7.80 21.75 15.76
C ARG A 112 7.73 21.70 14.23
N ALA A 113 8.09 20.56 13.65
CA ALA A 113 8.00 20.32 12.22
C ALA A 113 8.08 18.82 11.96
N ASP A 114 6.98 18.20 11.58
CA ASP A 114 7.02 16.76 11.29
C ASP A 114 7.21 16.38 9.82
N ASP A 115 7.77 17.29 9.03
CA ASP A 115 7.77 17.16 7.56
C ASP A 115 8.71 16.03 7.13
N LEU A 116 9.84 15.83 7.81
CA LEU A 116 10.68 14.67 7.50
C LEU A 116 10.07 13.35 7.94
N ALA A 117 9.36 13.34 9.05
CA ALA A 117 8.65 12.11 9.43
C ALA A 117 7.63 11.76 8.33
N ARG A 118 6.93 12.76 7.80
CA ARG A 118 5.95 12.49 6.75
C ARG A 118 6.64 12.01 5.51
N GLU A 119 7.82 12.51 5.23
CA GLU A 119 8.54 12.10 4.00
C GLU A 119 8.97 10.63 4.10
N VAL A 120 9.48 10.24 5.26
CA VAL A 120 9.87 8.86 5.46
C VAL A 120 8.66 7.96 5.43
N ALA A 121 7.57 8.36 6.09
CA ALA A 121 6.32 7.61 5.98
C ALA A 121 5.86 7.41 4.54
N ALA A 122 5.85 8.47 3.75
CA ALA A 122 5.39 8.38 2.37
C ALA A 122 6.28 7.49 1.50
N LEU A 123 7.60 7.59 1.64
CA LEU A 123 8.55 6.66 0.97
C LEU A 123 8.33 5.18 1.33
N ALA A 124 8.03 4.89 2.60
CA ALA A 124 7.84 3.51 3.05
C ALA A 124 6.53 2.96 2.49
N ILE A 125 5.50 3.80 2.44
CA ILE A 125 4.24 3.39 1.84
C ILE A 125 4.39 3.11 0.33
N THR A 126 5.08 3.98 -0.39
CA THR A 126 5.27 3.79 -1.81
C THR A 126 6.06 2.54 -2.05
N LEU A 127 7.13 2.33 -1.26
CA LEU A 127 7.93 1.10 -1.37
C LEU A 127 7.06 -0.12 -1.14
N HIS A 128 6.25 -0.09 -0.10
CA HIS A 128 5.45 -1.27 0.32
C HIS A 128 4.42 -1.57 -0.77
N THR A 129 3.82 -0.52 -1.29
CA THR A 129 2.83 -0.64 -2.36
C THR A 129 3.42 -1.22 -3.60
N SER A 130 4.57 -0.73 -3.99
CA SER A 130 5.24 -1.29 -5.16
C SER A 130 5.63 -2.77 -5.00
N LEU A 131 6.02 -3.16 -3.80
CA LEU A 131 6.21 -4.60 -3.50
C LEU A 131 4.96 -5.44 -3.68
N ILE A 132 3.84 -4.90 -3.25
CA ILE A 132 2.56 -5.59 -3.44
C ILE A 132 2.24 -5.73 -4.92
N LYS A 133 2.38 -4.64 -5.67
CA LYS A 133 2.09 -4.70 -7.08
C LYS A 133 2.98 -5.71 -7.79
N SER A 134 4.25 -5.71 -7.46
CA SER A 134 5.14 -6.67 -8.02
C SER A 134 4.69 -8.10 -7.69
N ALA A 135 4.45 -8.38 -6.44
CA ALA A 135 4.08 -9.75 -6.05
C ALA A 135 2.75 -10.17 -6.67
N VAL A 136 1.77 -9.26 -6.74
CA VAL A 136 0.47 -9.60 -7.34
C VAL A 136 0.57 -9.90 -8.83
N ARG A 137 1.41 -9.14 -9.51
CA ARG A 137 1.62 -9.35 -10.92
C ARG A 137 2.19 -10.76 -11.09
N ASP A 138 3.22 -11.09 -10.30
CA ASP A 138 3.81 -12.43 -10.30
C ASP A 138 2.76 -13.51 -10.13
N VAL A 139 2.09 -13.55 -8.97
CA VAL A 139 1.16 -14.63 -8.65
C VAL A 139 0.03 -14.74 -9.65
N LEU A 140 -0.36 -13.65 -10.29
CA LEU A 140 -1.33 -13.70 -11.38
C LEU A 140 -0.55 -13.88 -12.67
N HIS B 20 5.12 -7.42 -20.01
CA HIS B 20 5.68 -6.04 -20.18
C HIS B 20 7.23 -6.03 -20.18
N MET B 21 7.83 -5.63 -19.06
CA MET B 21 9.14 -4.96 -19.05
C MET B 21 10.17 -5.74 -18.23
N ARG B 22 11.15 -6.36 -18.89
CA ARG B 22 12.08 -7.27 -18.23
C ARG B 22 13.46 -6.67 -18.20
N LEU B 23 13.89 -6.19 -17.04
CA LEU B 23 15.14 -5.48 -16.92
C LEU B 23 16.24 -6.44 -16.45
N SER B 24 17.39 -6.33 -17.07
CA SER B 24 18.63 -6.88 -16.59
C SER B 24 19.02 -6.12 -15.34
N ARG B 25 19.96 -6.65 -14.59
CA ARG B 25 20.48 -5.96 -13.43
C ARG B 25 21.00 -4.57 -13.78
N GLU B 26 21.77 -4.49 -14.85
CA GLU B 26 22.37 -3.22 -15.27
C GLU B 26 21.30 -2.27 -15.85
N ASP B 27 20.28 -2.78 -16.53
CA ASP B 27 19.15 -1.91 -16.95
C ASP B 27 18.52 -1.28 -15.67
N LEU B 28 18.28 -2.11 -14.63
CA LEU B 28 17.70 -1.59 -13.36
C LEU B 28 18.60 -0.52 -12.69
N LEU B 29 19.92 -0.71 -12.72
CA LEU B 29 20.83 0.26 -12.07
C LEU B 29 20.77 1.59 -12.83
N GLU B 30 20.80 1.50 -14.15
CA GLU B 30 20.79 2.68 -15.02
C GLU B 30 19.51 3.50 -14.85
N ARG B 31 18.36 2.84 -14.82
CA ARG B 31 17.07 3.55 -14.71
C ARG B 31 16.78 4.09 -13.31
N SER B 32 17.30 3.42 -12.28
CA SER B 32 17.06 3.83 -10.91
C SER B 32 18.09 4.87 -10.42
N GLU B 33 19.26 4.94 -11.06
CA GLU B 33 20.39 5.79 -10.62
C GLU B 33 20.81 5.44 -9.19
N VAL B 34 20.77 4.16 -8.84
CA VAL B 34 21.14 3.72 -7.51
C VAL B 34 22.40 2.91 -7.63
N ALA B 35 23.21 2.92 -6.58
CA ALA B 35 24.47 2.18 -6.56
C ALA B 35 24.27 0.64 -6.51
N ASP B 36 25.15 -0.10 -7.18
CA ASP B 36 25.15 -1.57 -7.21
C ASP B 36 25.17 -2.21 -5.81
N GLU B 37 25.95 -1.60 -4.90
CA GLU B 37 26.06 -2.05 -3.51
C GLU B 37 24.72 -1.97 -2.79
N LEU B 38 23.93 -0.92 -3.05
CA LEU B 38 22.60 -0.81 -2.48
C LEU B 38 21.71 -1.95 -3.01
N LEU B 39 21.72 -2.18 -4.31
CA LEU B 39 20.95 -3.30 -4.89
C LEU B 39 21.38 -4.63 -4.30
N THR B 40 22.68 -4.83 -4.13
CA THR B 40 23.17 -6.02 -3.45
C THR B 40 22.57 -6.21 -2.08
N ALA B 41 22.56 -5.16 -1.29
CA ALA B 41 22.09 -5.21 0.09
C ALA B 41 20.60 -5.50 0.14
N LEU B 42 19.86 -4.90 -0.77
CA LEU B 42 18.44 -5.18 -0.88
C LEU B 42 18.10 -6.58 -1.32
N LEU B 43 18.89 -7.13 -2.22
CA LEU B 43 18.68 -8.49 -2.67
C LEU B 43 19.06 -9.50 -1.63
N LYS B 44 20.13 -9.23 -0.89
CA LYS B 44 20.56 -10.16 0.19
C LYS B 44 19.63 -10.13 1.39
N ALA B 45 18.99 -8.98 1.65
CA ALA B 45 17.95 -8.88 2.70
C ALA B 45 16.64 -9.48 2.26
N GLY B 46 16.52 -9.83 0.99
CA GLY B 46 15.28 -10.36 0.43
C GLY B 46 14.18 -9.29 0.19
N VAL B 47 14.51 -8.01 0.26
CA VAL B 47 13.53 -6.98 0.03
C VAL B 47 13.11 -6.93 -1.44
N ILE B 48 14.06 -7.05 -2.32
CA ILE B 48 13.80 -7.05 -3.75
C ILE B 48 14.21 -8.39 -4.29
N THR B 49 13.42 -8.94 -5.19
CA THR B 49 13.71 -10.20 -5.82
C THR B 49 13.51 -9.99 -7.33
N THR B 50 14.15 -10.84 -8.11
CA THR B 50 13.86 -10.88 -9.51
C THR B 50 12.56 -11.67 -9.73
N GLY B 51 11.85 -11.40 -10.83
CA GLY B 51 10.69 -12.22 -11.18
C GLY B 51 11.08 -13.66 -11.52
N PRO B 52 10.10 -14.48 -11.91
CA PRO B 52 10.42 -15.91 -12.07
C PRO B 52 11.48 -16.24 -13.16
N GLY B 53 11.61 -15.37 -14.16
CA GLY B 53 12.62 -15.52 -15.21
C GLY B 53 14.01 -14.96 -14.91
N GLY B 54 14.22 -14.42 -13.70
CA GLY B 54 15.50 -13.80 -13.31
C GLY B 54 15.64 -12.32 -13.74
N PHE B 55 14.60 -11.75 -14.32
CA PHE B 55 14.54 -10.29 -14.59
C PHE B 55 13.87 -9.49 -13.49
N PHE B 56 14.11 -8.18 -13.55
CA PHE B 56 13.48 -7.24 -12.68
C PHE B 56 12.35 -6.61 -13.45
N ASP B 57 11.34 -6.11 -12.76
CA ASP B 57 10.25 -5.39 -13.45
C ASP B 57 10.29 -3.87 -13.16
N GLU B 58 9.38 -3.13 -13.76
CA GLU B 58 9.31 -1.68 -13.52
C GLU B 58 9.11 -1.27 -12.07
N HIS B 59 8.43 -2.11 -11.28
CA HIS B 59 8.23 -1.85 -9.84
C HIS B 59 9.56 -1.84 -9.09
N ALA B 60 10.50 -2.67 -9.52
CA ALA B 60 11.82 -2.72 -8.90
C ALA B 60 12.51 -1.38 -9.00
N VAL B 61 12.28 -0.64 -10.10
CA VAL B 61 12.85 0.71 -10.26
C VAL B 61 12.42 1.64 -9.11
N VAL B 62 11.11 1.67 -8.84
CA VAL B 62 10.58 2.45 -7.74
C VAL B 62 11.05 1.97 -6.37
N ILE B 63 11.04 0.67 -6.18
CA ILE B 63 11.47 0.09 -4.92
C ILE B 63 12.91 0.51 -4.62
N LEU B 64 13.79 0.31 -5.60
CA LEU B 64 15.20 0.66 -5.45
C LEU B 64 15.41 2.14 -5.16
N GLN B 65 14.70 3.00 -5.88
CA GLN B 65 14.81 4.42 -5.63
C GLN B 65 14.26 4.79 -4.25
N CYS B 66 13.11 4.23 -3.86
CA CYS B 66 12.60 4.50 -2.49
C CYS B 66 13.57 3.98 -1.41
N ALA B 67 14.13 2.79 -1.62
CA ALA B 67 15.09 2.22 -0.66
C ALA B 67 16.34 3.09 -0.52
N ARG B 68 16.80 3.66 -1.63
CA ARG B 68 17.92 4.59 -1.60
C ARG B 68 17.63 5.84 -0.80
N ALA B 69 16.49 6.49 -1.04
CA ALA B 69 16.07 7.63 -0.22
C ALA B 69 15.87 7.28 1.26
N LEU B 70 15.31 6.13 1.55
CA LEU B 70 15.21 5.64 2.92
C LEU B 70 16.58 5.41 3.58
N ALA B 71 17.53 4.82 2.84
CA ALA B 71 18.89 4.65 3.32
C ALA B 71 19.55 5.97 3.69
N GLU B 72 19.30 7.01 2.90
CA GLU B 72 19.75 8.36 3.17
C GLU B 72 19.17 8.92 4.49
N TYR B 73 17.98 8.45 4.90
CA TYR B 73 17.43 8.76 6.27
C TYR B 73 17.85 7.77 7.34
N GLY B 74 18.90 7.02 7.07
CA GLY B 74 19.41 6.05 8.00
C GLY B 74 18.63 4.75 8.12
N VAL B 75 17.72 4.44 7.22
CA VAL B 75 16.99 3.19 7.28
C VAL B 75 17.67 2.20 6.33
N GLU B 76 18.28 1.16 6.90
CA GLU B 76 19.11 0.21 6.15
C GLU B 76 18.24 -0.78 5.44
N PRO B 77 18.71 -1.36 4.33
CA PRO B 77 17.89 -2.34 3.65
C PRO B 77 17.34 -3.49 4.49
N ARG B 78 18.15 -4.01 5.41
CA ARG B 78 17.64 -5.07 6.32
C ARG B 78 16.43 -4.68 7.23
N HIS B 79 16.29 -3.41 7.50
CA HIS B 79 15.15 -2.89 8.24
C HIS B 79 13.90 -2.79 7.38
N LEU B 80 14.04 -2.99 6.07
CA LEU B 80 12.89 -3.03 5.17
C LEU B 80 12.35 -4.45 5.00
N ARG B 81 13.08 -5.48 5.44
CA ARG B 81 12.60 -6.86 5.30
C ARG B 81 11.16 -7.09 5.64
N ALA B 82 10.69 -6.48 6.73
CA ALA B 82 9.34 -6.62 7.15
C ALA B 82 8.29 -6.10 6.16
N PHE B 83 8.66 -5.11 5.35
CA PHE B 83 7.76 -4.60 4.32
C PHE B 83 7.60 -5.64 3.24
N ARG B 84 8.62 -6.44 2.97
CA ARG B 84 8.55 -7.45 1.95
C ARG B 84 7.65 -8.59 2.41
N SER B 85 7.86 -9.07 3.64
CA SER B 85 7.09 -10.20 4.13
C SER B 85 5.62 -9.82 4.17
N ALA B 86 5.33 -8.64 4.70
CA ALA B 86 3.96 -8.14 4.73
C ALA B 86 3.33 -8.03 3.31
N ALA B 87 4.13 -7.61 2.34
CA ALA B 87 3.65 -7.35 1.00
C ALA B 87 3.25 -8.65 0.34
N ASP B 88 4.05 -9.68 0.58
CA ASP B 88 3.77 -11.04 0.15
C ASP B 88 2.50 -11.63 0.76
N ARG B 89 2.26 -11.45 2.06
CA ARG B 89 0.94 -11.82 2.68
C ARG B 89 -0.22 -11.06 2.05
N GLN B 90 -0.08 -9.76 1.89
CA GLN B 90 -1.13 -8.99 1.21
C GLN B 90 -1.37 -9.44 -0.22
N SER B 91 -0.31 -9.69 -0.98
N SER B 91 -0.29 -9.70 -0.95
CA SER B 91 -0.46 -10.20 -2.33
CA SER B 91 -0.35 -10.25 -2.31
C SER B 91 -1.28 -11.50 -2.41
C SER B 91 -1.24 -11.49 -2.41
N ASP B 92 -1.08 -12.41 -1.45
CA ASP B 92 -1.89 -13.61 -1.36
C ASP B 92 -3.36 -13.32 -1.05
N LEU B 93 -3.62 -12.43 -0.11
CA LEU B 93 -5.01 -12.05 0.16
C LEU B 93 -5.65 -11.49 -1.12
N ILE B 94 -4.93 -10.68 -1.87
CA ILE B 94 -5.49 -10.11 -3.11
C ILE B 94 -5.73 -11.18 -4.18
N ALA B 95 -4.80 -12.13 -4.28
CA ALA B 95 -4.93 -13.27 -5.20
C ALA B 95 -6.13 -14.18 -4.90
N GLN B 96 -6.43 -14.37 -3.62
CA GLN B 96 -7.59 -15.14 -3.20
C GLN B 96 -8.87 -14.53 -3.76
N ILE B 97 -8.92 -13.21 -3.84
CA ILE B 97 -10.06 -12.50 -4.37
C ILE B 97 -10.06 -12.49 -5.88
N ALA B 98 -8.91 -12.17 -6.48
CA ALA B 98 -8.84 -11.83 -7.88
C ALA B 98 -8.67 -13.05 -8.75
N GLY B 99 -7.94 -14.03 -8.21
CA GLY B 99 -7.62 -15.27 -8.89
C GLY B 99 -8.81 -15.98 -9.54
N PRO B 100 -9.86 -16.26 -8.77
CA PRO B 100 -11.10 -16.87 -9.34
C PRO B 100 -11.78 -16.04 -10.45
N LEU B 101 -11.50 -14.73 -10.53
CA LEU B 101 -12.13 -13.85 -11.53
C LEU B 101 -11.38 -13.77 -12.87
N VAL B 102 -10.18 -14.33 -12.94
CA VAL B 102 -9.47 -14.47 -14.22
C VAL B 102 -10.36 -15.01 -15.35
N LYS B 103 -11.08 -16.09 -15.08
CA LYS B 103 -11.94 -16.72 -16.07
C LYS B 103 -13.22 -15.94 -16.36
N ALA B 104 -13.58 -14.96 -15.52
CA ALA B 104 -14.78 -14.18 -15.68
C ALA B 104 -14.65 -12.94 -16.58
N GLY B 105 -13.47 -12.63 -17.09
CA GLY B 105 -13.32 -11.45 -17.94
C GLY B 105 -13.99 -11.64 -19.29
N LYS B 106 -14.62 -10.59 -19.82
CA LYS B 106 -15.15 -10.63 -21.22
C LYS B 106 -14.03 -11.00 -22.19
N ALA B 107 -14.32 -11.91 -23.13
CA ALA B 107 -13.33 -12.41 -24.07
C ALA B 107 -13.80 -12.10 -25.47
N GLY B 108 -14.47 -10.97 -25.67
CA GLY B 108 -14.87 -10.56 -27.01
C GLY B 108 -13.65 -10.13 -27.83
N ALA B 109 -13.91 -9.82 -29.09
CA ALA B 109 -12.89 -9.31 -30.01
C ALA B 109 -12.10 -8.17 -29.38
N ARG B 110 -12.80 -7.21 -28.77
CA ARG B 110 -12.17 -6.00 -28.20
C ARG B 110 -11.89 -6.12 -26.68
N ASP B 111 -11.69 -7.35 -26.19
CA ASP B 111 -11.47 -7.59 -24.76
C ASP B 111 -10.26 -8.50 -24.54
N ARG B 112 -9.66 -8.45 -23.35
CA ARG B 112 -8.72 -9.47 -22.84
C ARG B 112 -9.22 -9.99 -21.47
N ALA B 113 -9.18 -11.30 -21.27
CA ALA B 113 -9.82 -11.93 -20.10
C ALA B 113 -9.20 -11.58 -18.74
N ASP B 114 -7.91 -11.23 -18.72
CA ASP B 114 -7.22 -10.69 -17.52
C ASP B 114 -7.80 -9.39 -16.89
N ASP B 115 -8.53 -8.58 -17.66
CA ASP B 115 -8.97 -7.22 -17.23
C ASP B 115 -9.66 -7.15 -15.87
N LEU B 116 -10.68 -7.99 -15.68
CA LEU B 116 -11.44 -7.92 -14.43
C LEU B 116 -10.55 -8.22 -13.21
N ALA B 117 -9.74 -9.27 -13.33
CA ALA B 117 -8.89 -9.66 -12.21
C ALA B 117 -7.87 -8.55 -11.90
N ARG B 118 -7.41 -7.84 -12.94
CA ARG B 118 -6.56 -6.63 -12.79
C ARG B 118 -7.30 -5.50 -12.11
N GLU B 119 -8.51 -5.18 -12.56
CA GLU B 119 -9.32 -4.11 -11.91
C GLU B 119 -9.52 -4.44 -10.47
N VAL B 120 -9.78 -5.71 -10.17
CA VAL B 120 -10.05 -6.10 -8.80
C VAL B 120 -8.83 -6.00 -7.90
N ALA B 121 -7.70 -6.45 -8.42
CA ALA B 121 -6.43 -6.28 -7.75
C ALA B 121 -6.14 -4.81 -7.51
N ALA B 122 -6.38 -3.97 -8.51
CA ALA B 122 -6.12 -2.56 -8.36
C ALA B 122 -7.02 -1.90 -7.30
N LEU B 123 -8.30 -2.30 -7.18
CA LEU B 123 -9.14 -1.80 -6.07
C LEU B 123 -8.61 -2.19 -4.70
N ALA B 124 -8.19 -3.42 -4.57
CA ALA B 124 -7.79 -3.91 -3.29
C ALA B 124 -6.50 -3.25 -2.83
N ILE B 125 -5.58 -3.08 -3.75
CA ILE B 125 -4.36 -2.32 -3.52
C ILE B 125 -4.65 -0.86 -3.18
N THR B 126 -5.53 -0.21 -3.93
CA THR B 126 -5.95 1.17 -3.56
C THR B 126 -6.56 1.23 -2.16
N LEU B 127 -7.44 0.28 -1.85
CA LEU B 127 -8.02 0.14 -0.51
CA LEU B 127 -8.03 0.20 -0.51
C LEU B 127 -6.94 0.03 0.56
N HIS B 128 -5.98 -0.87 0.32
CA HIS B 128 -4.93 -1.11 1.29
C HIS B 128 -4.04 0.11 1.51
N THR B 129 -3.72 0.80 0.43
CA THR B 129 -2.90 2.02 0.46
C THR B 129 -3.56 3.11 1.32
N SER B 130 -4.86 3.32 1.14
CA SER B 130 -5.65 4.23 1.98
C SER B 130 -5.73 3.83 3.44
N LEU B 131 -5.92 2.54 3.73
CA LEU B 131 -5.83 2.06 5.10
C LEU B 131 -4.54 2.39 5.76
N ILE B 132 -3.42 2.15 5.06
CA ILE B 132 -2.13 2.39 5.70
C ILE B 132 -1.96 3.90 5.90
N LYS B 133 -2.27 4.70 4.86
CA LYS B 133 -2.16 6.15 4.97
C LYS B 133 -2.97 6.71 6.15
N SER B 134 -4.15 6.14 6.32
CA SER B 134 -5.02 6.55 7.41
C SER B 134 -4.43 6.14 8.78
N ALA B 135 -3.98 4.89 8.91
CA ALA B 135 -3.36 4.43 10.14
C ALA B 135 -2.10 5.26 10.47
N VAL B 136 -1.28 5.61 9.46
CA VAL B 136 -0.08 6.45 9.66
C VAL B 136 -0.38 7.89 10.10
N ARG B 137 -1.32 8.55 9.45
CA ARG B 137 -1.78 9.91 9.84
C ARG B 137 -2.19 9.92 11.31
N ASP B 138 -2.90 8.88 11.73
CA ASP B 138 -3.33 8.76 13.12
C ASP B 138 -2.17 8.48 14.08
N VAL B 139 -1.26 7.59 13.70
CA VAL B 139 -0.13 7.23 14.57
C VAL B 139 0.84 8.41 14.82
N LEU B 140 0.79 9.46 13.98
CA LEU B 140 1.57 10.70 14.16
C LEU B 140 0.73 11.98 14.44
N HIS B 141 -0.57 11.87 14.65
CA HIS B 141 -1.44 13.04 14.85
C HIS B 141 -1.28 13.60 16.26
#